data_6CZO
#
_entry.id   6CZO
#
_cell.length_a   138.049
_cell.length_b   138.049
_cell.length_c   118.423
_cell.angle_alpha   90.00
_cell.angle_beta   90.00
_cell.angle_gamma   90.00
#
_symmetry.space_group_name_H-M   'P 42 21 2'
#
loop_
_entity.id
_entity.type
_entity.pdbx_description
1 polymer 'Serine/threonine-protein phosphatase PP1-alpha catalytic subunit'
2 polymer 'CASC5 protein'
3 non-polymer 'MANGANESE (II) ION'
4 non-polymer 'PHOSPHATE ION'
5 water water
#
loop_
_entity_poly.entity_id
_entity_poly.type
_entity_poly.pdbx_seq_one_letter_code
_entity_poly.pdbx_strand_id
1 'polypeptide(L)'
;GHMGSLNLDSIIGRLLEVQGSRPGKNVQLTENEIRGLCLKSREIFLSQPILLELEAPLKICGDIHGQYYDLLRLFEYGGF
PPESNYLFLGDYVDRGKQSLETICLLLAYKIKYPENFFLLRGNHECASINRIYGFYDECKRRYNIKLWKTFTDCFNCLPI
AAIVDEKIFCCHGGLSPDLQSMEQIRRIMRPTDVPDQGLLCDLLWSDPDKDVQGWGENDRGVSFTFGAEVVAKFLHKHDL
DLICRAHQVVEDGYEFFAKRQLVTLFSAPNYCGEFDNAGAMMSVDETLMCSFQILKPAD
;
A,C
2 'polypeptide(L)' GAMGHSSILKPPRSPLQDLRGGNETVQESNALRNKKNSRRVSFADTIKVFQTESHMKIVRKS B,D
#
# COMPACT_ATOMS: atom_id res chain seq x y z
N SER A 5 -8.96 -38.20 -9.45
CA SER A 5 -7.63 -38.08 -8.87
C SER A 5 -7.20 -36.62 -8.77
N LEU A 6 -6.11 -36.37 -8.04
CA LEU A 6 -5.55 -35.04 -7.81
C LEU A 6 -6.56 -34.07 -7.19
N ASN A 7 -6.58 -34.00 -5.87
CA ASN A 7 -7.44 -33.06 -5.17
C ASN A 7 -6.79 -31.67 -5.15
N LEU A 8 -7.04 -30.91 -6.22
CA LEU A 8 -6.44 -29.58 -6.38
C LEU A 8 -6.81 -28.63 -5.25
N ASP A 9 -8.08 -28.63 -4.85
CA ASP A 9 -8.56 -27.72 -3.83
C ASP A 9 -7.92 -28.01 -2.48
N SER A 10 -7.70 -29.29 -2.21
CA SER A 10 -7.05 -29.70 -0.96
C SER A 10 -5.61 -29.26 -0.93
N ILE A 11 -4.91 -29.47 -2.05
CA ILE A 11 -3.51 -29.08 -2.17
C ILE A 11 -3.35 -27.57 -2.01
N ILE A 12 -4.12 -26.80 -2.78
CA ILE A 12 -4.09 -25.35 -2.70
C ILE A 12 -4.44 -24.87 -1.29
N GLY A 13 -5.41 -25.53 -0.67
CA GLY A 13 -5.83 -25.17 0.67
C GLY A 13 -4.71 -25.33 1.69
N ARG A 14 -4.00 -26.46 1.61
CA ARG A 14 -2.89 -26.73 2.50
C ARG A 14 -1.71 -25.81 2.24
N LEU A 15 -1.60 -25.31 1.01
CA LEU A 15 -0.53 -24.39 0.64
C LEU A 15 -0.82 -22.98 1.12
N LEU A 16 -2.09 -22.60 1.13
CA LEU A 16 -2.51 -21.27 1.58
C LEU A 16 -2.74 -21.25 3.09
N GLU A 17 -2.70 -22.42 3.72
CA GLU A 17 -2.99 -22.55 5.14
C GLU A 17 -1.96 -21.82 6.01
N VAL A 18 -0.76 -21.63 5.46
CA VAL A 18 0.34 -21.08 6.25
C VAL A 18 0.52 -19.58 6.12
N GLN A 19 -0.53 -18.87 5.73
CA GLN A 19 -0.49 -17.41 5.70
C GLN A 19 -0.46 -16.83 7.11
N GLY A 20 0.38 -15.83 7.31
CA GLY A 20 0.44 -15.14 8.58
C GLY A 20 1.20 -15.89 9.66
N SER A 21 1.60 -17.12 9.36
CA SER A 21 2.36 -17.92 10.32
C SER A 21 3.80 -17.41 10.43
N ARG A 22 4.53 -17.92 11.41
CA ARG A 22 5.94 -17.61 11.56
C ARG A 22 6.70 -18.02 10.29
N PRO A 23 7.29 -17.02 9.60
CA PRO A 23 8.00 -17.24 8.33
C PRO A 23 9.04 -18.36 8.41
N GLY A 24 8.76 -19.45 7.72
CA GLY A 24 9.62 -20.62 7.75
C GLY A 24 8.79 -21.89 7.88
N LYS A 25 7.49 -21.72 8.07
CA LYS A 25 6.56 -22.83 8.20
C LYS A 25 6.40 -23.57 6.87
N ASN A 26 6.80 -24.83 6.85
CA ASN A 26 6.78 -25.61 5.62
C ASN A 26 5.41 -26.21 5.31
N VAL A 27 5.25 -26.67 4.07
CA VAL A 27 4.07 -27.40 3.65
C VAL A 27 4.50 -28.70 2.96
N GLN A 28 4.37 -29.81 3.67
CA GLN A 28 4.85 -31.09 3.15
C GLN A 28 3.74 -31.87 2.46
N LEU A 29 3.56 -31.61 1.17
CA LEU A 29 2.63 -32.38 0.36
C LEU A 29 3.17 -33.79 0.15
N THR A 30 2.33 -34.69 -0.33
CA THR A 30 2.78 -36.05 -0.58
C THR A 30 3.50 -36.12 -1.92
N GLU A 31 4.36 -37.11 -2.07
CA GLU A 31 5.12 -37.34 -3.30
C GLU A 31 4.19 -37.45 -4.51
N ASN A 32 3.06 -38.13 -4.31
CA ASN A 32 2.08 -38.34 -5.37
C ASN A 32 1.32 -37.07 -5.76
N GLU A 33 0.96 -36.26 -4.76
CA GLU A 33 0.26 -35.01 -5.00
C GLU A 33 1.14 -34.07 -5.82
N ILE A 34 2.42 -34.01 -5.49
CA ILE A 34 3.36 -33.17 -6.21
C ILE A 34 3.60 -33.70 -7.62
N ARG A 35 3.77 -35.02 -7.72
CA ARG A 35 3.99 -35.67 -9.01
C ARG A 35 2.78 -35.45 -9.91
N GLY A 36 1.59 -35.42 -9.32
CA GLY A 36 0.36 -35.18 -10.05
C GLY A 36 0.32 -33.78 -10.62
N LEU A 37 0.82 -32.82 -9.84
CA LEU A 37 0.88 -31.42 -10.28
C LEU A 37 1.80 -31.25 -11.47
N CYS A 38 2.93 -31.96 -11.45
CA CYS A 38 3.91 -31.88 -12.52
C CYS A 38 3.36 -32.45 -13.82
N LEU A 39 2.70 -33.60 -13.73
CA LEU A 39 2.23 -34.31 -14.92
C LEU A 39 1.04 -33.62 -15.57
N LYS A 40 0.12 -33.11 -14.75
CA LYS A 40 -1.06 -32.44 -15.29
C LYS A 40 -0.70 -31.09 -15.91
N SER A 41 0.14 -30.33 -15.21
CA SER A 41 0.58 -29.03 -15.72
C SER A 41 1.42 -29.20 -16.98
N ARG A 42 2.13 -30.32 -17.06
CA ARG A 42 2.96 -30.63 -18.23
C ARG A 42 2.09 -30.72 -19.48
N GLU A 43 0.91 -31.30 -19.33
CA GLU A 43 -0.04 -31.41 -20.43
C GLU A 43 -0.49 -30.02 -20.88
N ILE A 44 -0.90 -29.21 -19.91
CA ILE A 44 -1.40 -27.87 -20.18
C ILE A 44 -0.34 -27.00 -20.85
N PHE A 45 0.90 -27.14 -20.41
CA PHE A 45 2.01 -26.40 -21.01
C PHE A 45 2.18 -26.75 -22.48
N LEU A 46 2.22 -28.04 -22.77
CA LEU A 46 2.38 -28.53 -24.14
C LEU A 46 1.16 -28.22 -25.00
N SER A 47 -0.01 -28.18 -24.37
CA SER A 47 -1.25 -27.88 -25.07
C SER A 47 -1.28 -26.42 -25.53
N GLN A 48 -0.69 -25.55 -24.72
CA GLN A 48 -0.63 -24.13 -25.03
C GLN A 48 0.62 -23.80 -25.85
N PRO A 49 0.60 -22.69 -26.61
CA PRO A 49 1.73 -22.32 -27.47
C PRO A 49 3.01 -22.08 -26.69
N ILE A 50 4.16 -22.29 -27.33
CA ILE A 50 5.45 -22.00 -26.73
C ILE A 50 5.68 -20.48 -26.71
N LEU A 51 4.92 -19.78 -27.55
CA LEU A 51 4.91 -18.33 -27.57
C LEU A 51 3.50 -17.84 -27.25
N LEU A 52 3.26 -17.53 -25.98
CA LEU A 52 1.93 -17.16 -25.52
C LEU A 52 1.45 -15.83 -26.10
N GLU A 53 0.19 -15.82 -26.52
CA GLU A 53 -0.47 -14.59 -26.95
C GLU A 53 -1.51 -14.18 -25.91
N LEU A 54 -1.19 -13.18 -25.11
CA LEU A 54 -2.05 -12.83 -23.98
C LEU A 54 -2.79 -11.51 -24.18
N GLU A 55 -3.84 -11.32 -23.39
CA GLU A 55 -4.62 -10.09 -23.41
C GLU A 55 -4.65 -9.43 -22.05
N ALA A 56 -4.83 -8.11 -22.05
CA ALA A 56 -5.02 -7.36 -20.81
C ALA A 56 -6.42 -7.63 -20.26
N PRO A 57 -6.62 -7.46 -18.95
CA PRO A 57 -5.64 -7.06 -17.94
C PRO A 57 -4.92 -8.25 -17.31
N LEU A 58 -3.69 -8.02 -16.83
CA LEU A 58 -2.92 -9.06 -16.15
C LEU A 58 -1.80 -8.46 -15.32
N LYS A 59 -1.30 -9.23 -14.36
CA LYS A 59 -0.17 -8.78 -13.53
C LYS A 59 1.08 -9.56 -13.90
N ILE A 60 2.18 -8.84 -14.10
CA ILE A 60 3.45 -9.48 -14.43
C ILE A 60 4.39 -9.47 -13.23
N CYS A 61 5.06 -10.60 -12.99
CA CYS A 61 5.98 -10.73 -11.86
C CYS A 61 7.34 -11.27 -12.30
N GLY A 62 8.38 -10.88 -11.58
CA GLY A 62 9.74 -11.32 -11.88
C GLY A 62 10.16 -12.54 -11.10
N ASP A 63 11.45 -12.61 -10.77
CA ASP A 63 12.02 -13.76 -10.07
C ASP A 63 11.41 -13.92 -8.68
N ILE A 64 11.21 -15.18 -8.28
CA ILE A 64 10.74 -15.50 -6.94
C ILE A 64 11.84 -16.21 -6.16
N HIS A 65 12.48 -17.18 -6.82
CA HIS A 65 13.60 -17.92 -6.26
C HIS A 65 13.31 -18.51 -4.88
N GLY A 66 12.24 -19.28 -4.78
CA GLY A 66 11.94 -20.01 -3.56
C GLY A 66 11.52 -19.18 -2.37
N GLN A 67 11.43 -17.87 -2.53
CA GLN A 67 10.99 -17.00 -1.45
C GLN A 67 9.47 -17.06 -1.36
N TYR A 68 8.98 -18.17 -0.81
CA TYR A 68 7.57 -18.52 -0.86
C TYR A 68 6.65 -17.51 -0.19
N TYR A 69 7.05 -17.02 0.97
CA TYR A 69 6.20 -16.10 1.72
C TYR A 69 6.12 -14.73 1.06
N ASP A 70 7.12 -14.41 0.23
CA ASP A 70 7.08 -13.19 -0.55
C ASP A 70 6.14 -13.36 -1.72
N LEU A 71 5.99 -14.59 -2.20
CA LEU A 71 5.05 -14.90 -3.27
C LEU A 71 3.61 -14.72 -2.79
N LEU A 72 3.34 -15.18 -1.56
CA LEU A 72 2.01 -15.05 -0.97
C LEU A 72 1.65 -13.58 -0.79
N ARG A 73 2.64 -12.76 -0.48
CA ARG A 73 2.42 -11.32 -0.32
C ARG A 73 2.05 -10.68 -1.64
N LEU A 74 2.67 -11.14 -2.72
CA LEU A 74 2.31 -10.67 -4.07
C LEU A 74 0.83 -10.93 -4.35
N PHE A 75 0.41 -12.16 -4.09
CA PHE A 75 -0.97 -12.56 -4.29
C PHE A 75 -1.91 -11.83 -3.35
N GLU A 76 -1.42 -11.52 -2.15
CA GLU A 76 -2.24 -10.82 -1.16
C GLU A 76 -2.48 -9.38 -1.59
N TYR A 77 -1.42 -8.73 -2.06
CA TYR A 77 -1.49 -7.33 -2.45
C TYR A 77 -2.05 -7.16 -3.87
N GLY A 78 -1.77 -8.14 -4.72
CA GLY A 78 -2.22 -8.09 -6.11
C GLY A 78 -3.57 -8.74 -6.33
N GLY A 79 -3.95 -9.63 -5.43
CA GLY A 79 -5.22 -10.34 -5.55
C GLY A 79 -5.01 -11.80 -5.92
N PHE A 80 -5.47 -12.70 -5.04
CA PHE A 80 -5.40 -14.13 -5.31
C PHE A 80 -6.25 -14.51 -6.53
N PRO A 81 -5.73 -15.42 -7.37
CA PRO A 81 -6.46 -15.91 -8.55
C PRO A 81 -7.84 -16.44 -8.20
N PRO A 82 -8.82 -16.28 -9.10
CA PRO A 82 -8.64 -15.60 -10.39
C PRO A 82 -9.06 -14.14 -10.37
N GLU A 83 -8.96 -13.48 -9.22
CA GLU A 83 -9.31 -12.07 -9.11
C GLU A 83 -8.41 -11.21 -10.00
N SER A 84 -7.21 -11.72 -10.26
CA SER A 84 -6.28 -11.07 -11.17
C SER A 84 -5.63 -12.11 -12.07
N ASN A 85 -5.39 -11.72 -13.33
CA ASN A 85 -4.64 -12.58 -14.24
C ASN A 85 -3.14 -12.39 -14.02
N TYR A 86 -2.37 -13.46 -14.13
CA TYR A 86 -0.96 -13.39 -13.80
C TYR A 86 -0.04 -13.93 -14.90
N LEU A 87 1.14 -13.32 -14.99
CA LEU A 87 2.21 -13.82 -15.83
C LEU A 87 3.54 -13.75 -15.08
N PHE A 88 4.13 -14.91 -14.82
CA PHE A 88 5.42 -14.97 -14.16
C PHE A 88 6.53 -15.21 -15.18
N LEU A 89 7.68 -14.56 -14.98
CA LEU A 89 8.73 -14.55 -16.00
C LEU A 89 9.86 -15.53 -15.72
N GLY A 90 9.66 -16.45 -14.79
CA GLY A 90 10.62 -17.50 -14.54
C GLY A 90 11.43 -17.36 -13.25
N ASP A 91 12.38 -18.28 -13.07
CA ASP A 91 13.22 -18.33 -11.87
C ASP A 91 12.38 -18.44 -10.60
N TYR A 92 11.67 -19.56 -10.48
CA TYR A 92 10.80 -19.79 -9.34
C TYR A 92 11.53 -20.51 -8.21
N VAL A 93 12.60 -21.21 -8.57
CA VAL A 93 13.32 -22.04 -7.59
C VAL A 93 14.73 -21.53 -7.35
N ASP A 94 15.50 -22.32 -6.59
CA ASP A 94 16.89 -22.06 -6.24
C ASP A 94 17.07 -20.88 -5.27
N ARG A 95 18.13 -20.98 -4.46
CA ARG A 95 18.56 -19.94 -3.52
C ARG A 95 17.60 -19.68 -2.37
N GLY A 96 16.29 -19.78 -2.62
CA GLY A 96 15.31 -19.68 -1.57
C GLY A 96 15.27 -20.93 -0.72
N LYS A 97 14.61 -20.84 0.44
CA LYS A 97 14.55 -21.96 1.37
C LYS A 97 13.31 -22.81 1.13
N GLN A 98 12.37 -22.28 0.36
CA GLN A 98 11.12 -22.98 0.09
C GLN A 98 10.75 -22.97 -1.39
N SER A 99 11.62 -23.53 -2.23
CA SER A 99 11.36 -23.63 -3.66
C SER A 99 10.19 -24.56 -3.95
N LEU A 100 10.10 -25.64 -3.18
CA LEU A 100 9.05 -26.64 -3.36
C LEU A 100 7.66 -26.03 -3.18
N GLU A 101 7.46 -25.32 -2.08
CA GLU A 101 6.18 -24.66 -1.82
C GLU A 101 5.87 -23.65 -2.90
N THR A 102 6.90 -22.96 -3.38
CA THR A 102 6.73 -21.92 -4.39
C THR A 102 6.23 -22.48 -5.72
N ILE A 103 6.96 -23.45 -6.26
CA ILE A 103 6.63 -24.00 -7.56
C ILE A 103 5.33 -24.82 -7.53
N CYS A 104 5.04 -25.44 -6.39
CA CYS A 104 3.83 -26.26 -6.28
C CYS A 104 2.58 -25.40 -6.33
N LEU A 105 2.60 -24.26 -5.65
CA LEU A 105 1.45 -23.36 -5.65
C LEU A 105 1.24 -22.76 -7.04
N LEU A 106 2.34 -22.44 -7.72
CA LEU A 106 2.28 -21.87 -9.06
C LEU A 106 1.69 -22.85 -10.06
N LEU A 107 2.13 -24.10 -9.98
CA LEU A 107 1.60 -25.14 -10.87
C LEU A 107 0.15 -25.44 -10.54
N ALA A 108 -0.19 -25.40 -9.25
CA ALA A 108 -1.55 -25.66 -8.80
C ALA A 108 -2.53 -24.63 -9.38
N TYR A 109 -2.08 -23.38 -9.45
CA TYR A 109 -2.89 -22.32 -10.04
C TYR A 109 -2.93 -22.43 -11.55
N LYS A 110 -1.84 -22.94 -12.13
CA LYS A 110 -1.76 -23.12 -13.57
C LYS A 110 -2.76 -24.16 -14.04
N ILE A 111 -3.01 -25.17 -13.20
CA ILE A 111 -3.96 -26.22 -13.53
C ILE A 111 -5.39 -25.78 -13.22
N LYS A 112 -5.55 -25.03 -12.14
CA LYS A 112 -6.86 -24.59 -11.70
C LYS A 112 -7.43 -23.51 -12.63
N TYR A 113 -6.57 -22.59 -13.06
CA TYR A 113 -6.99 -21.53 -13.98
C TYR A 113 -6.02 -21.40 -15.16
N PRO A 114 -6.07 -22.37 -16.09
CA PRO A 114 -5.11 -22.43 -17.20
C PRO A 114 -5.27 -21.31 -18.23
N GLU A 115 -6.34 -20.54 -18.15
CA GLU A 115 -6.59 -19.48 -19.11
C GLU A 115 -6.37 -18.11 -18.49
N ASN A 116 -6.07 -18.08 -17.19
CA ASN A 116 -5.93 -16.84 -16.46
C ASN A 116 -4.66 -16.80 -15.61
N PHE A 117 -3.74 -17.70 -15.90
CA PHE A 117 -2.52 -17.85 -15.11
C PHE A 117 -1.43 -18.46 -15.98
N PHE A 118 -0.29 -17.78 -16.09
CA PHE A 118 0.76 -18.23 -17.01
C PHE A 118 2.16 -18.13 -16.41
N LEU A 119 2.99 -19.12 -16.74
CA LEU A 119 4.36 -19.19 -16.22
C LEU A 119 5.36 -19.31 -17.36
N LEU A 120 6.34 -18.42 -17.38
CA LEU A 120 7.41 -18.49 -18.36
C LEU A 120 8.61 -19.26 -17.81
N ARG A 121 9.49 -19.71 -18.69
CA ARG A 121 10.67 -20.46 -18.27
C ARG A 121 11.86 -19.54 -18.04
N GLY A 122 12.45 -19.63 -16.85
CA GLY A 122 13.66 -18.90 -16.53
C GLY A 122 14.88 -19.79 -16.71
N ASN A 123 16.07 -19.23 -16.55
CA ASN A 123 17.30 -19.99 -16.72
C ASN A 123 17.55 -20.94 -15.55
N HIS A 124 16.77 -20.79 -14.49
CA HIS A 124 16.88 -21.66 -13.33
C HIS A 124 15.90 -22.83 -13.41
N GLU A 125 14.98 -22.77 -14.37
CA GLU A 125 14.12 -23.91 -14.66
C GLU A 125 14.83 -24.84 -15.64
N CYS A 126 16.08 -25.15 -15.29
CA CYS A 126 16.93 -26.04 -16.07
C CYS A 126 17.69 -26.95 -15.13
N ALA A 127 17.80 -28.23 -15.50
CA ALA A 127 18.45 -29.21 -14.64
C ALA A 127 19.90 -28.86 -14.37
N SER A 128 20.59 -28.35 -15.38
CA SER A 128 22.01 -28.04 -15.27
C SER A 128 22.27 -26.93 -14.25
N ILE A 129 21.26 -26.14 -13.94
CA ILE A 129 21.41 -25.01 -13.03
C ILE A 129 20.86 -25.31 -11.62
N ASN A 130 19.61 -25.76 -11.55
CA ASN A 130 18.96 -25.93 -10.26
C ASN A 130 19.44 -27.18 -9.50
N ARG A 131 20.32 -27.94 -10.14
CA ARG A 131 20.95 -29.07 -9.46
C ARG A 131 21.97 -28.53 -8.45
N ILE A 132 22.49 -27.36 -8.75
CA ILE A 132 23.58 -26.78 -7.96
C ILE A 132 23.10 -25.70 -6.98
N TYR A 133 22.16 -24.88 -7.42
CA TYR A 133 21.78 -23.68 -6.66
C TYR A 133 20.65 -23.89 -5.66
N GLY A 134 20.34 -25.13 -5.31
CA GLY A 134 19.48 -25.39 -4.17
C GLY A 134 18.21 -26.21 -4.35
N PHE A 135 17.63 -26.20 -5.54
CA PHE A 135 16.36 -26.89 -5.76
C PHE A 135 16.50 -28.40 -5.63
N TYR A 136 17.57 -28.95 -6.20
CA TYR A 136 17.82 -30.38 -6.12
C TYR A 136 18.11 -30.81 -4.69
N ASP A 137 18.82 -29.97 -3.95
CA ASP A 137 19.11 -30.24 -2.54
C ASP A 137 17.81 -30.30 -1.74
N GLU A 138 16.88 -29.41 -2.07
CA GLU A 138 15.59 -29.36 -1.38
C GLU A 138 14.78 -30.62 -1.67
N CYS A 139 14.83 -31.08 -2.91
CA CYS A 139 14.12 -32.28 -3.32
C CYS A 139 14.71 -33.51 -2.64
N LYS A 140 16.03 -33.58 -2.62
CA LYS A 140 16.73 -34.71 -2.01
C LYS A 140 16.44 -34.79 -0.51
N ARG A 141 16.36 -33.62 0.12
CA ARG A 141 16.14 -33.54 1.56
C ARG A 141 14.72 -33.92 1.95
N ARG A 142 13.74 -33.31 1.29
CA ARG A 142 12.34 -33.43 1.69
C ARG A 142 11.60 -34.55 0.94
N TYR A 143 12.19 -35.04 -0.14
CA TYR A 143 11.59 -36.12 -0.92
C TYR A 143 12.64 -37.08 -1.45
N ASN A 144 12.83 -37.12 -2.76
CA ASN A 144 13.84 -38.00 -3.36
C ASN A 144 14.31 -37.51 -4.73
N ILE A 145 15.39 -38.14 -5.21
CA ILE A 145 16.01 -37.76 -6.47
C ILE A 145 15.04 -37.86 -7.65
N LYS A 146 14.17 -38.86 -7.60
CA LYS A 146 13.25 -39.12 -8.71
C LYS A 146 12.18 -38.03 -8.86
N LEU A 147 11.85 -37.37 -7.75
CA LEU A 147 10.89 -36.26 -7.80
C LEU A 147 11.50 -35.08 -8.54
N TRP A 148 12.80 -34.91 -8.38
CA TRP A 148 13.53 -33.82 -9.02
C TRP A 148 13.55 -34.01 -10.53
N LYS A 149 13.78 -35.24 -10.97
CA LYS A 149 13.80 -35.54 -12.40
C LYS A 149 12.41 -35.34 -13.00
N THR A 150 11.39 -35.51 -12.18
CA THR A 150 10.01 -35.28 -12.60
C THR A 150 9.80 -33.80 -12.86
N PHE A 151 10.30 -32.96 -11.95
CA PHE A 151 10.24 -31.51 -12.13
C PHE A 151 10.96 -31.09 -13.39
N THR A 152 12.11 -31.72 -13.64
CA THR A 152 12.90 -31.45 -14.84
C THR A 152 12.11 -31.70 -16.10
N ASP A 153 11.42 -32.84 -16.14
CA ASP A 153 10.59 -33.21 -17.28
C ASP A 153 9.46 -32.21 -17.50
N CYS A 154 9.05 -31.55 -16.42
CA CYS A 154 7.97 -30.57 -16.49
C CYS A 154 8.49 -29.19 -16.92
N PHE A 155 9.67 -28.83 -16.42
CA PHE A 155 10.28 -27.54 -16.73
C PHE A 155 10.68 -27.44 -18.20
N ASN A 156 10.91 -28.59 -18.84
CA ASN A 156 11.32 -28.62 -20.23
C ASN A 156 10.16 -28.34 -21.19
N CYS A 157 8.95 -28.21 -20.64
CA CYS A 157 7.77 -27.97 -21.46
C CYS A 157 7.18 -26.59 -21.22
N LEU A 158 7.89 -25.78 -20.43
CA LEU A 158 7.46 -24.42 -20.14
C LEU A 158 7.53 -23.55 -21.39
N PRO A 159 6.57 -22.64 -21.55
CA PRO A 159 6.65 -21.67 -22.65
C PRO A 159 7.85 -20.73 -22.47
N ILE A 160 8.38 -20.21 -23.56
CA ILE A 160 9.62 -19.45 -23.53
C ILE A 160 9.38 -17.93 -23.53
N ALA A 161 8.37 -17.48 -24.25
CA ALA A 161 8.08 -16.06 -24.32
C ALA A 161 6.58 -15.79 -24.42
N ALA A 162 6.22 -14.51 -24.38
CA ALA A 162 4.82 -14.10 -24.44
C ALA A 162 4.67 -12.69 -24.97
N ILE A 163 3.60 -12.46 -25.73
CA ILE A 163 3.29 -11.14 -26.26
C ILE A 163 1.90 -10.70 -25.82
N VAL A 164 1.83 -9.56 -25.13
CA VAL A 164 0.57 -9.06 -24.61
C VAL A 164 -0.03 -7.97 -25.50
N ASP A 165 -1.18 -8.27 -26.09
CA ASP A 165 -1.89 -7.36 -27.00
C ASP A 165 -1.00 -6.80 -28.10
N GLU A 166 -0.13 -7.66 -28.64
CA GLU A 166 0.72 -7.34 -29.78
C GLU A 166 1.65 -6.16 -29.52
N LYS A 167 1.82 -5.78 -28.26
CA LYS A 167 2.60 -4.58 -27.92
C LYS A 167 3.70 -4.84 -26.89
N ILE A 168 3.46 -5.76 -25.96
CA ILE A 168 4.45 -6.05 -24.92
C ILE A 168 5.07 -7.43 -25.08
N PHE A 169 6.37 -7.46 -25.33
CA PHE A 169 7.11 -8.71 -25.48
C PHE A 169 7.71 -9.13 -24.14
N CYS A 170 7.44 -10.36 -23.73
CA CYS A 170 7.89 -10.85 -22.42
C CYS A 170 8.77 -12.09 -22.52
N CYS A 171 9.88 -12.07 -21.81
CA CYS A 171 10.76 -13.24 -21.68
C CYS A 171 11.63 -13.04 -20.45
N HIS A 172 12.26 -14.12 -19.98
CA HIS A 172 13.05 -14.04 -18.75
C HIS A 172 14.31 -13.19 -18.91
N GLY A 173 15.17 -13.58 -19.84
CA GLY A 173 16.43 -12.91 -20.04
C GLY A 173 16.30 -11.64 -20.89
N GLY A 174 16.33 -11.82 -22.20
CA GLY A 174 16.21 -10.70 -23.11
C GLY A 174 16.26 -11.13 -24.56
N LEU A 175 16.92 -10.33 -25.40
CA LEU A 175 16.93 -10.54 -26.83
C LEU A 175 18.06 -11.48 -27.29
N SER A 176 18.05 -11.81 -28.58
CA SER A 176 19.03 -12.71 -29.16
C SER A 176 19.45 -12.23 -30.54
N PRO A 177 20.75 -12.34 -30.85
CA PRO A 177 21.26 -12.00 -32.18
C PRO A 177 20.66 -12.90 -33.27
N ASP A 178 20.08 -14.02 -32.86
CA ASP A 178 19.50 -14.97 -33.80
C ASP A 178 17.98 -14.82 -33.88
N LEU A 179 17.44 -13.85 -33.16
CA LEU A 179 16.00 -13.63 -33.17
C LEU A 179 15.58 -12.65 -34.25
N GLN A 180 15.28 -13.17 -35.43
CA GLN A 180 14.86 -12.34 -36.55
C GLN A 180 13.34 -12.36 -36.68
N SER A 181 12.76 -13.55 -36.58
CA SER A 181 11.32 -13.73 -36.70
C SER A 181 10.73 -14.34 -35.43
N MET A 182 9.46 -14.04 -35.17
CA MET A 182 8.76 -14.61 -34.03
C MET A 182 8.50 -16.10 -34.26
N GLU A 183 8.55 -16.51 -35.53
CA GLU A 183 8.34 -17.91 -35.88
C GLU A 183 9.54 -18.75 -35.45
N GLN A 184 10.69 -18.11 -35.31
CA GLN A 184 11.90 -18.79 -34.86
CA GLN A 184 11.90 -18.80 -34.86
C GLN A 184 11.71 -19.33 -33.44
N ILE A 185 10.80 -18.71 -32.70
CA ILE A 185 10.47 -19.15 -31.34
C ILE A 185 9.40 -20.24 -31.38
N ARG A 186 8.37 -20.03 -32.22
CA ARG A 186 7.28 -20.99 -32.35
C ARG A 186 7.75 -22.33 -32.91
N ARG A 187 8.85 -22.29 -33.66
CA ARG A 187 9.39 -23.49 -34.31
C ARG A 187 10.14 -24.39 -33.36
N ILE A 188 10.43 -23.90 -32.16
CA ILE A 188 11.13 -24.68 -31.15
C ILE A 188 10.21 -25.75 -30.56
N MET A 189 10.67 -26.99 -30.54
CA MET A 189 9.86 -28.11 -30.07
C MET A 189 10.13 -28.44 -28.61
N ARG A 190 9.07 -28.83 -27.89
CA ARG A 190 9.17 -29.25 -26.50
C ARG A 190 8.82 -30.72 -26.36
N PRO A 191 9.39 -31.41 -25.36
CA PRO A 191 10.30 -30.91 -24.32
C PRO A 191 11.70 -30.62 -24.83
N THR A 192 12.37 -29.66 -24.20
CA THR A 192 13.71 -29.26 -24.60
C THR A 192 14.55 -28.85 -23.40
N ASP A 193 15.83 -29.17 -23.45
CA ASP A 193 16.79 -28.68 -22.47
C ASP A 193 17.22 -27.27 -22.90
N VAL A 194 17.89 -26.55 -22.00
CA VAL A 194 18.41 -25.24 -22.34
C VAL A 194 19.87 -25.35 -22.78
N PRO A 195 20.13 -25.13 -24.07
CA PRO A 195 21.49 -25.20 -24.61
C PRO A 195 22.40 -24.13 -24.03
N ASP A 196 23.70 -24.26 -24.24
CA ASP A 196 24.67 -23.31 -23.73
C ASP A 196 24.88 -22.15 -24.70
N GLN A 197 24.15 -22.19 -25.81
CA GLN A 197 24.19 -21.11 -26.80
C GLN A 197 22.98 -21.18 -27.72
N GLY A 198 22.69 -20.07 -28.40
CA GLY A 198 21.62 -20.04 -29.37
C GLY A 198 20.42 -19.21 -28.94
N LEU A 199 19.35 -19.30 -29.72
CA LEU A 199 18.15 -18.51 -29.48
C LEU A 199 17.52 -18.79 -28.12
N LEU A 200 17.32 -20.06 -27.80
CA LEU A 200 16.68 -20.45 -26.55
C LEU A 200 17.52 -20.04 -25.35
N CYS A 201 18.83 -20.16 -25.48
CA CYS A 201 19.75 -19.78 -24.41
C CYS A 201 19.69 -18.27 -24.14
N ASP A 202 19.83 -17.48 -25.20
CA ASP A 202 19.87 -16.02 -25.08
C ASP A 202 18.57 -15.45 -24.50
N LEU A 203 17.44 -16.05 -24.89
CA LEU A 203 16.12 -15.61 -24.42
C LEU A 203 15.98 -15.75 -22.91
N LEU A 204 16.83 -16.60 -22.31
CA LEU A 204 16.74 -16.87 -20.88
C LEU A 204 17.95 -16.34 -20.11
N TRP A 205 18.93 -15.80 -20.81
CA TRP A 205 20.20 -15.44 -20.17
C TRP A 205 20.68 -14.01 -20.42
N SER A 206 20.36 -13.44 -21.57
CA SER A 206 20.93 -12.15 -21.96
C SER A 206 20.49 -10.99 -21.06
N ASP A 207 21.32 -9.96 -21.02
CA ASP A 207 21.07 -8.78 -20.18
C ASP A 207 21.22 -7.49 -20.98
N PRO A 208 20.44 -6.46 -20.62
CA PRO A 208 20.66 -5.14 -21.21
C PRO A 208 21.87 -4.47 -20.58
N ASP A 209 22.57 -3.63 -21.36
CA ASP A 209 23.76 -2.96 -20.86
C ASP A 209 23.86 -1.54 -21.41
N LYS A 210 24.14 -0.59 -20.52
CA LYS A 210 24.26 0.81 -20.90
C LYS A 210 25.49 1.06 -21.77
N ASP A 211 26.62 0.52 -21.34
CA ASP A 211 27.89 0.79 -22.00
C ASP A 211 28.17 -0.12 -23.20
N VAL A 212 27.12 -0.49 -23.91
CA VAL A 212 27.26 -1.40 -25.05
C VAL A 212 26.50 -0.91 -26.28
N GLN A 213 27.20 -0.80 -27.40
CA GLN A 213 26.57 -0.53 -28.68
C GLN A 213 26.45 -1.84 -29.46
N GLY A 214 25.24 -2.35 -29.58
CA GLY A 214 25.02 -3.61 -30.26
C GLY A 214 25.06 -4.77 -29.27
N TRP A 215 25.92 -5.74 -29.55
CA TRP A 215 26.06 -6.91 -28.68
C TRP A 215 27.45 -6.98 -28.06
N GLY A 216 27.52 -7.38 -26.80
CA GLY A 216 28.78 -7.53 -26.10
C GLY A 216 28.84 -8.82 -25.31
N GLU A 217 30.01 -9.14 -24.78
CA GLU A 217 30.17 -10.35 -23.98
C GLU A 217 29.47 -10.17 -22.63
N ASN A 218 28.85 -11.24 -22.16
CA ASN A 218 28.09 -11.19 -20.91
C ASN A 218 28.93 -11.62 -19.71
N ASP A 219 28.78 -10.87 -18.62
CA ASP A 219 29.52 -11.13 -17.39
C ASP A 219 29.26 -12.52 -16.83
N ARG A 220 28.07 -13.04 -17.08
CA ARG A 220 27.67 -14.34 -16.57
C ARG A 220 28.50 -15.48 -17.14
N GLY A 221 29.13 -15.25 -18.29
CA GLY A 221 29.88 -16.28 -18.97
C GLY A 221 28.99 -17.04 -19.93
N VAL A 222 27.74 -16.61 -20.02
CA VAL A 222 26.75 -17.23 -20.89
C VAL A 222 26.03 -16.14 -21.70
N SER A 223 25.76 -16.43 -22.97
CA SER A 223 24.99 -15.53 -23.84
C SER A 223 25.66 -14.16 -24.00
N PHE A 224 24.86 -13.14 -24.26
CA PHE A 224 25.38 -11.81 -24.56
C PHE A 224 24.73 -10.71 -23.75
N THR A 225 25.27 -9.51 -23.87
CA THR A 225 24.61 -8.30 -23.43
C THR A 225 24.19 -7.49 -24.66
N PHE A 226 23.18 -6.66 -24.52
CA PHE A 226 22.71 -5.86 -25.65
C PHE A 226 22.45 -4.41 -25.27
N GLY A 227 22.63 -3.51 -26.23
CA GLY A 227 22.52 -2.09 -25.98
C GLY A 227 21.14 -1.52 -26.24
N ALA A 228 21.02 -0.21 -26.04
CA ALA A 228 19.74 0.48 -26.18
C ALA A 228 19.27 0.56 -27.63
N GLU A 229 20.23 0.67 -28.56
CA GLU A 229 19.91 0.77 -29.97
C GLU A 229 19.30 -0.53 -30.50
N VAL A 230 19.75 -1.65 -29.95
CA VAL A 230 19.22 -2.96 -30.31
C VAL A 230 17.75 -3.06 -29.92
N VAL A 231 17.43 -2.57 -28.72
CA VAL A 231 16.05 -2.55 -28.24
C VAL A 231 15.18 -1.69 -29.14
N ALA A 232 15.69 -0.52 -29.50
CA ALA A 232 14.97 0.41 -30.36
C ALA A 232 14.66 -0.20 -31.72
N LYS A 233 15.67 -0.80 -32.34
CA LYS A 233 15.50 -1.44 -33.65
C LYS A 233 14.55 -2.62 -33.57
N PHE A 234 14.66 -3.39 -32.49
CA PHE A 234 13.82 -4.57 -32.30
C PHE A 234 12.34 -4.20 -32.16
N LEU A 235 12.06 -3.19 -31.34
CA LEU A 235 10.69 -2.78 -31.09
C LEU A 235 10.03 -2.23 -32.35
N HIS A 236 10.78 -1.44 -33.12
CA HIS A 236 10.28 -0.85 -34.35
C HIS A 236 9.96 -1.91 -35.40
N LYS A 237 10.79 -2.93 -35.47
CA LYS A 237 10.67 -3.97 -36.49
C LYS A 237 9.43 -4.84 -36.31
N HIS A 238 9.05 -5.07 -35.06
CA HIS A 238 7.92 -5.94 -34.77
C HIS A 238 6.71 -5.17 -34.26
N ASP A 239 6.75 -3.84 -34.39
CA ASP A 239 5.67 -2.97 -33.94
C ASP A 239 5.34 -3.23 -32.47
N LEU A 240 6.36 -3.11 -31.62
CA LEU A 240 6.17 -3.31 -30.19
C LEU A 240 6.51 -2.04 -29.42
N ASP A 241 5.91 -1.90 -28.25
CA ASP A 241 6.13 -0.71 -27.42
C ASP A 241 7.10 -0.97 -26.28
N LEU A 242 7.00 -2.16 -25.68
CA LEU A 242 7.74 -2.45 -24.46
C LEU A 242 8.29 -3.87 -24.41
N ILE A 243 9.51 -4.01 -23.89
CA ILE A 243 10.07 -5.31 -23.55
C ILE A 243 10.06 -5.50 -22.04
N CYS A 244 9.35 -6.53 -21.58
CA CYS A 244 9.24 -6.80 -20.16
C CYS A 244 10.00 -8.08 -19.79
N ARG A 245 11.12 -7.91 -19.09
CA ARG A 245 11.94 -9.05 -18.70
C ARG A 245 12.25 -9.05 -17.20
N ALA A 246 13.10 -9.98 -16.78
CA ALA A 246 13.47 -10.11 -15.38
C ALA A 246 14.97 -10.38 -15.25
N HIS A 247 15.30 -11.53 -14.68
CA HIS A 247 16.65 -12.08 -14.72
C HIS A 247 17.70 -11.30 -13.90
N GLN A 248 17.44 -10.03 -13.62
CA GLN A 248 18.40 -9.22 -12.87
C GLN A 248 17.77 -8.50 -11.68
N VAL A 249 18.41 -8.59 -10.52
CA VAL A 249 17.95 -7.90 -9.33
C VAL A 249 18.17 -6.40 -9.46
N VAL A 250 17.12 -5.63 -9.20
CA VAL A 250 17.19 -4.18 -9.27
C VAL A 250 16.70 -3.58 -7.95
N GLU A 251 17.25 -2.41 -7.61
CA GLU A 251 17.04 -1.80 -6.30
C GLU A 251 15.58 -1.56 -5.96
N ASP A 252 14.81 -1.05 -6.92
CA ASP A 252 13.42 -0.67 -6.65
C ASP A 252 12.43 -1.72 -7.14
N GLY A 253 12.94 -2.89 -7.53
CA GLY A 253 12.09 -3.96 -8.02
C GLY A 253 11.77 -3.82 -9.49
N TYR A 254 11.66 -2.58 -9.95
CA TYR A 254 11.50 -2.28 -11.37
C TYR A 254 12.59 -1.30 -11.78
N GLU A 255 13.03 -1.40 -13.02
CA GLU A 255 14.06 -0.50 -13.53
C GLU A 255 13.95 -0.34 -15.04
N PHE A 256 13.92 0.90 -15.50
CA PHE A 256 13.76 1.19 -16.91
C PHE A 256 15.09 1.17 -17.65
N PHE A 257 15.02 0.94 -18.95
CA PHE A 257 16.20 0.89 -19.80
C PHE A 257 15.84 1.45 -21.18
N ALA A 258 16.77 2.20 -21.77
CA ALA A 258 16.59 2.78 -23.10
C ALA A 258 15.33 3.64 -23.18
N LYS A 259 15.23 4.64 -22.30
CA LYS A 259 14.09 5.56 -22.26
C LYS A 259 12.75 4.84 -22.20
N ARG A 260 12.59 3.98 -21.20
CA ARG A 260 11.34 3.26 -20.94
C ARG A 260 10.89 2.34 -22.07
N GLN A 261 11.83 1.95 -22.93
CA GLN A 261 11.52 0.98 -23.98
C GLN A 261 11.57 -0.44 -23.42
N LEU A 262 12.36 -0.62 -22.36
CA LEU A 262 12.51 -1.90 -21.70
C LEU A 262 12.40 -1.75 -20.19
N VAL A 263 11.78 -2.72 -19.52
CA VAL A 263 11.67 -2.70 -18.07
C VAL A 263 12.13 -4.03 -17.47
N THR A 264 12.88 -3.95 -16.38
CA THR A 264 13.31 -5.14 -15.66
C THR A 264 12.46 -5.31 -14.41
N LEU A 265 11.83 -6.47 -14.27
CA LEU A 265 11.03 -6.77 -13.08
C LEU A 265 11.71 -7.80 -12.19
N PHE A 266 11.70 -7.54 -10.89
CA PHE A 266 12.24 -8.48 -9.90
C PHE A 266 11.33 -8.49 -8.68
N SER A 267 10.79 -9.66 -8.36
CA SER A 267 9.72 -9.74 -7.37
C SER A 267 10.15 -10.35 -6.03
N ALA A 268 11.45 -10.54 -5.84
CA ALA A 268 11.95 -11.11 -4.60
C ALA A 268 12.76 -10.09 -3.79
N PRO A 269 12.12 -9.46 -2.81
CA PRO A 269 12.78 -8.49 -1.93
C PRO A 269 13.76 -9.18 -1.00
N ASN A 270 14.82 -8.47 -0.60
CA ASN A 270 15.90 -9.05 0.20
C ASN A 270 16.44 -10.33 -0.43
N TYR A 271 16.82 -10.24 -1.70
CA TYR A 271 17.32 -11.37 -2.47
C TYR A 271 18.48 -12.06 -1.78
N CYS A 272 18.30 -13.34 -1.48
CA CYS A 272 19.29 -14.16 -0.77
C CYS A 272 19.56 -13.67 0.65
N GLY A 273 18.81 -12.66 1.10
CA GLY A 273 19.01 -12.07 2.41
C GLY A 273 20.26 -11.22 2.45
N GLU A 274 20.94 -11.11 1.30
CA GLU A 274 22.20 -10.39 1.20
C GLU A 274 21.99 -9.01 0.57
N PHE A 275 20.88 -8.86 -0.14
CA PHE A 275 20.52 -7.60 -0.77
C PHE A 275 19.48 -6.86 0.07
N ASP A 276 19.27 -5.58 -0.24
CA ASP A 276 18.27 -4.78 0.44
C ASP A 276 17.22 -4.30 -0.55
N ASN A 277 17.15 -4.99 -1.69
CA ASN A 277 16.25 -4.61 -2.77
C ASN A 277 14.79 -4.81 -2.43
N ALA A 278 13.92 -4.20 -3.22
CA ALA A 278 12.48 -4.40 -3.09
C ALA A 278 11.99 -5.29 -4.23
N GLY A 279 10.78 -5.82 -4.08
CA GLY A 279 10.16 -6.58 -5.15
C GLY A 279 9.05 -5.78 -5.79
N ALA A 280 8.94 -5.87 -7.10
CA ALA A 280 7.91 -5.12 -7.81
C ALA A 280 6.98 -6.03 -8.61
N MET A 281 5.86 -5.45 -9.04
CA MET A 281 4.86 -6.17 -9.80
C MET A 281 4.15 -5.19 -10.73
N MET A 282 4.16 -5.47 -12.02
CA MET A 282 3.58 -4.56 -13.00
C MET A 282 2.16 -4.97 -13.40
N SER A 283 1.22 -4.06 -13.20
CA SER A 283 -0.16 -4.27 -13.62
C SER A 283 -0.41 -3.59 -14.96
N VAL A 284 -1.01 -4.33 -15.89
CA VAL A 284 -1.34 -3.80 -17.20
C VAL A 284 -2.85 -3.89 -17.42
N ASP A 285 -3.49 -2.75 -17.67
CA ASP A 285 -4.94 -2.74 -17.89
C ASP A 285 -5.29 -2.80 -19.36
N GLU A 286 -6.59 -2.82 -19.66
CA GLU A 286 -7.09 -2.96 -21.02
C GLU A 286 -6.66 -1.82 -21.94
N THR A 287 -6.34 -0.68 -21.36
CA THR A 287 -5.85 0.47 -22.13
C THR A 287 -4.33 0.42 -22.27
N LEU A 288 -3.75 -0.71 -21.88
CA LEU A 288 -2.30 -0.93 -21.88
C LEU A 288 -1.53 0.10 -21.06
N MET A 289 -2.17 0.63 -20.02
CA MET A 289 -1.47 1.50 -19.09
C MET A 289 -0.83 0.66 -17.98
N CYS A 290 0.48 0.79 -17.83
CA CYS A 290 1.22 -0.02 -16.88
C CYS A 290 1.48 0.72 -15.56
N SER A 291 1.17 0.06 -14.46
CA SER A 291 1.41 0.62 -13.13
C SER A 291 2.20 -0.36 -12.27
N PHE A 292 3.02 0.16 -11.36
CA PHE A 292 3.88 -0.69 -10.55
C PHE A 292 3.46 -0.74 -9.09
N GLN A 293 3.49 -1.94 -8.52
CA GLN A 293 3.26 -2.11 -7.09
C GLN A 293 4.53 -2.67 -6.44
N ILE A 294 5.02 -1.99 -5.42
CA ILE A 294 6.31 -2.32 -4.83
C ILE A 294 6.16 -3.05 -3.49
N LEU A 295 7.03 -4.03 -3.25
CA LEU A 295 7.09 -4.71 -1.97
C LEU A 295 8.36 -4.34 -1.23
N LYS A 296 8.24 -3.47 -0.25
CA LYS A 296 9.37 -3.07 0.58
C LYS A 296 9.71 -4.19 1.56
N PRO A 297 11.01 -4.40 1.82
CA PRO A 297 11.46 -5.43 2.76
C PRO A 297 11.35 -4.99 4.22
N SER B 6 -12.99 -15.02 -17.15
CA SER B 6 -12.86 -14.69 -18.57
C SER B 6 -11.43 -14.94 -19.07
N SER B 7 -11.30 -15.75 -20.11
CA SER B 7 -9.99 -16.12 -20.65
C SER B 7 -9.28 -14.93 -21.29
N ILE B 8 -7.95 -15.01 -21.36
CA ILE B 8 -7.14 -13.97 -21.97
C ILE B 8 -6.11 -14.54 -22.94
N LEU B 9 -6.27 -15.81 -23.30
CA LEU B 9 -5.34 -16.46 -24.22
C LEU B 9 -5.85 -16.41 -25.66
N LYS B 10 -5.17 -15.63 -26.50
CA LYS B 10 -5.52 -15.53 -27.90
C LYS B 10 -5.30 -16.87 -28.61
N PRO B 11 -6.17 -17.21 -29.56
CA PRO B 11 -6.01 -18.40 -30.41
C PRO B 11 -4.73 -18.33 -31.24
N PRO B 12 -4.11 -19.49 -31.53
CA PRO B 12 -2.87 -19.54 -32.31
C PRO B 12 -3.07 -19.21 -33.78
N SER B 38 -3.33 -0.63 -32.67
CA SER B 38 -4.28 0.44 -32.41
C SER B 38 -4.05 1.06 -31.03
N ARG B 39 -3.88 0.22 -30.02
CA ARG B 39 -3.59 0.67 -28.67
C ARG B 39 -2.09 0.90 -28.47
N ARG B 40 -1.76 1.71 -27.48
CA ARG B 40 -0.36 2.03 -27.18
C ARG B 40 -0.06 1.89 -25.69
N VAL B 41 1.21 1.67 -25.37
CA VAL B 41 1.62 1.45 -23.98
C VAL B 41 1.99 2.76 -23.28
N SER B 42 1.36 2.99 -22.14
CA SER B 42 1.66 4.13 -21.30
C SER B 42 2.00 3.68 -19.88
N PHE B 43 2.64 4.55 -19.12
CA PHE B 43 3.01 4.21 -17.74
C PHE B 43 2.39 5.18 -16.73
N ALA B 44 1.65 4.63 -15.77
CA ALA B 44 1.05 5.42 -14.70
C ALA B 44 2.14 6.08 -13.87
N ASP B 45 1.98 7.36 -13.59
CA ASP B 45 2.99 8.14 -12.89
C ASP B 45 3.02 7.84 -11.39
N THR B 46 1.98 7.17 -10.91
CA THR B 46 1.89 6.83 -9.49
C THR B 46 2.11 5.34 -9.28
N ILE B 47 2.98 5.01 -8.32
CA ILE B 47 3.21 3.62 -7.95
C ILE B 47 2.78 3.37 -6.51
N LYS B 48 2.25 2.18 -6.25
CA LYS B 48 1.82 1.81 -4.91
C LYS B 48 2.95 1.10 -4.18
N VAL B 49 3.20 1.51 -2.93
CA VAL B 49 4.29 0.96 -2.15
C VAL B 49 3.79 0.26 -0.88
N PHE B 50 4.03 -1.04 -0.79
CA PHE B 50 3.62 -1.82 0.37
C PHE B 50 4.81 -2.10 1.28
N GLN B 51 4.61 -1.92 2.59
CA GLN B 51 5.65 -2.21 3.57
C GLN B 51 5.41 -3.55 4.25
N THR B 52 6.43 -4.41 4.27
CA THR B 52 6.32 -5.70 4.93
C THR B 52 7.67 -6.31 5.28
N SER C 5 -35.32 25.74 12.86
CA SER C 5 -34.95 26.46 14.07
C SER C 5 -33.44 26.70 14.12
N LEU C 6 -32.69 25.87 13.39
CA LEU C 6 -31.25 26.05 13.27
C LEU C 6 -30.88 26.20 11.80
N ASN C 7 -30.72 27.45 11.36
CA ASN C 7 -30.43 27.73 9.96
C ASN C 7 -28.97 27.42 9.61
N LEU C 8 -28.68 26.14 9.39
CA LEU C 8 -27.33 25.69 9.07
C LEU C 8 -26.76 26.39 7.85
N ASP C 9 -27.51 26.39 6.76
CA ASP C 9 -27.04 26.91 5.48
C ASP C 9 -26.65 28.38 5.58
N SER C 10 -27.37 29.13 6.41
CA SER C 10 -27.05 30.53 6.63
C SER C 10 -25.75 30.64 7.42
N ILE C 11 -25.59 29.79 8.42
CA ILE C 11 -24.39 29.77 9.26
C ILE C 11 -23.16 29.40 8.43
N ILE C 12 -23.26 28.31 7.68
CA ILE C 12 -22.16 27.87 6.82
C ILE C 12 -21.85 28.90 5.75
N GLY C 13 -22.89 29.55 5.23
CA GLY C 13 -22.73 30.56 4.21
C GLY C 13 -21.96 31.77 4.70
N ARG C 14 -22.32 32.26 5.89
CA ARG C 14 -21.65 33.41 6.48
C ARG C 14 -20.22 33.09 6.90
N LEU C 15 -19.96 31.82 7.19
CA LEU C 15 -18.63 31.38 7.60
C LEU C 15 -17.70 31.27 6.39
N LEU C 16 -18.25 30.88 5.25
CA LEU C 16 -17.46 30.71 4.04
C LEU C 16 -17.35 32.01 3.25
N GLU C 17 -18.14 33.00 3.64
CA GLU C 17 -18.21 34.29 2.94
C GLU C 17 -16.87 35.01 2.95
N VAL C 18 -16.07 34.77 3.98
CA VAL C 18 -14.80 35.47 4.15
C VAL C 18 -13.65 34.80 3.39
N GLN C 19 -13.98 33.99 2.39
CA GLN C 19 -12.95 33.40 1.54
C GLN C 19 -12.28 34.48 0.69
N GLY C 20 -10.95 34.43 0.61
CA GLY C 20 -10.21 35.38 -0.20
C GLY C 20 -9.95 36.70 0.49
N SER C 21 -10.72 36.99 1.53
CA SER C 21 -10.56 38.21 2.30
C SER C 21 -9.22 38.25 3.02
N ARG C 22 -8.80 39.44 3.43
CA ARG C 22 -7.58 39.61 4.21
C ARG C 22 -7.66 38.81 5.50
N PRO C 23 -6.73 37.84 5.67
CA PRO C 23 -6.65 36.95 6.83
C PRO C 23 -6.70 37.71 8.14
N GLY C 24 -7.66 37.37 9.00
CA GLY C 24 -7.87 38.07 10.25
C GLY C 24 -9.29 38.57 10.37
N LYS C 25 -9.98 38.68 9.23
CA LYS C 25 -11.38 39.11 9.23
C LYS C 25 -12.26 38.06 9.88
N ASN C 26 -12.97 38.47 10.93
CA ASN C 26 -13.77 37.54 11.73
C ASN C 26 -15.17 37.29 11.17
N VAL C 27 -15.82 36.27 11.72
CA VAL C 27 -17.22 36.02 11.45
C VAL C 27 -17.96 35.91 12.79
N GLN C 28 -18.80 36.89 13.08
CA GLN C 28 -19.48 36.94 14.36
C GLN C 28 -20.89 36.37 14.29
N LEU C 29 -21.00 35.06 14.50
CA LEU C 29 -22.31 34.42 14.62
C LEU C 29 -22.97 34.89 15.91
N THR C 30 -24.26 34.64 16.04
CA THR C 30 -24.96 35.01 17.26
C THR C 30 -24.75 33.94 18.33
N GLU C 31 -24.96 34.32 19.58
CA GLU C 31 -24.82 33.40 20.70
C GLU C 31 -25.73 32.19 20.54
N ASN C 32 -26.94 32.42 20.06
CA ASN C 32 -27.92 31.36 19.86
C ASN C 32 -27.53 30.38 18.75
N GLU C 33 -26.94 30.91 17.68
CA GLU C 33 -26.49 30.08 16.57
C GLU C 33 -25.37 29.14 17.02
N ILE C 34 -24.41 29.68 17.76
CA ILE C 34 -23.29 28.89 18.25
C ILE C 34 -23.74 27.85 19.28
N ARG C 35 -24.60 28.28 20.20
CA ARG C 35 -25.16 27.36 21.19
C ARG C 35 -26.00 26.29 20.49
N GLY C 36 -26.63 26.66 19.39
CA GLY C 36 -27.39 25.73 18.60
C GLY C 36 -26.50 24.68 17.97
N LEU C 37 -25.36 25.12 17.45
CA LEU C 37 -24.39 24.22 16.83
C LEU C 37 -23.89 23.20 17.84
N CYS C 38 -23.62 23.64 19.05
CA CYS C 38 -23.08 22.76 20.10
C CYS C 38 -24.07 21.67 20.47
N LEU C 39 -25.29 22.06 20.82
CA LEU C 39 -26.30 21.14 21.31
C LEU C 39 -26.68 20.09 20.27
N LYS C 40 -26.78 20.50 19.02
CA LYS C 40 -27.15 19.57 17.95
C LYS C 40 -26.02 18.61 17.62
N SER C 41 -24.80 19.14 17.52
CA SER C 41 -23.64 18.30 17.22
C SER C 41 -23.35 17.36 18.39
N ARG C 42 -23.70 17.80 19.60
CA ARG C 42 -23.52 17.00 20.79
C ARG C 42 -24.39 15.74 20.73
N GLU C 43 -25.58 15.87 20.15
CA GLU C 43 -26.47 14.73 19.95
C GLU C 43 -25.85 13.70 19.04
N ILE C 44 -25.41 14.15 17.87
CA ILE C 44 -24.82 13.28 16.86
C ILE C 44 -23.59 12.55 17.39
N PHE C 45 -22.79 13.24 18.20
CA PHE C 45 -21.61 12.64 18.83
C PHE C 45 -22.00 11.46 19.71
N LEU C 46 -22.98 11.68 20.57
CA LEU C 46 -23.44 10.63 21.48
C LEU C 46 -24.16 9.53 20.72
N SER C 47 -24.79 9.90 19.61
CA SER C 47 -25.50 8.95 18.76
C SER C 47 -24.53 7.97 18.10
N GLN C 48 -23.38 8.49 17.68
CA GLN C 48 -22.37 7.68 17.00
C GLN C 48 -21.38 7.09 17.99
N PRO C 49 -20.73 5.97 17.61
CA PRO C 49 -19.78 5.27 18.49
C PRO C 49 -18.62 6.15 18.97
N ILE C 50 -18.10 5.84 20.16
CA ILE C 50 -16.95 6.56 20.70
C ILE C 50 -15.69 6.10 19.98
N LEU C 51 -15.74 4.89 19.42
CA LEU C 51 -14.67 4.37 18.57
C LEU C 51 -15.21 4.24 17.15
N LEU C 52 -15.04 5.29 16.36
CA LEU C 52 -15.57 5.32 14.99
C LEU C 52 -14.98 4.22 14.12
N GLU C 53 -15.83 3.59 13.33
CA GLU C 53 -15.38 2.60 12.36
C GLU C 53 -15.75 3.07 10.96
N LEU C 54 -14.77 3.63 10.26
CA LEU C 54 -15.02 4.32 9.00
C LEU C 54 -14.59 3.53 7.78
N GLU C 55 -14.98 4.00 6.61
CA GLU C 55 -14.60 3.37 5.35
C GLU C 55 -13.88 4.37 4.44
N ALA C 56 -13.11 3.84 3.50
CA ALA C 56 -12.49 4.65 2.47
C ALA C 56 -13.53 4.95 1.39
N PRO C 57 -13.34 6.06 0.65
CA PRO C 57 -12.27 7.05 0.75
C PRO C 57 -12.56 8.16 1.75
N LEU C 58 -11.52 8.71 2.33
CA LEU C 58 -11.65 9.84 3.24
C LEU C 58 -10.33 10.59 3.34
N LYS C 59 -10.38 11.83 3.81
CA LYS C 59 -9.18 12.61 4.04
C LYS C 59 -9.02 12.91 5.52
N ILE C 60 -7.80 12.76 6.03
CA ILE C 60 -7.53 12.90 7.45
C ILE C 60 -6.65 14.11 7.73
N CYS C 61 -7.05 14.93 8.71
CA CYS C 61 -6.32 16.16 9.02
C CYS C 61 -5.85 16.21 10.46
N GLY C 62 -4.75 16.94 10.68
CA GLY C 62 -4.17 17.07 12.00
C GLY C 62 -4.60 18.34 12.71
N ASP C 63 -3.72 18.86 13.56
CA ASP C 63 -4.02 20.04 14.37
C ASP C 63 -4.36 21.26 13.53
N ILE C 64 -5.38 22.00 13.95
CA ILE C 64 -5.75 23.24 13.30
C ILE C 64 -5.43 24.43 14.20
N HIS C 65 -5.80 24.29 15.48
CA HIS C 65 -5.52 25.30 16.50
C HIS C 65 -5.94 26.71 16.10
N GLY C 66 -7.22 26.89 15.78
CA GLY C 66 -7.77 28.21 15.55
C GLY C 66 -7.27 28.96 14.33
N GLN C 67 -6.45 28.33 13.51
CA GLN C 67 -5.97 28.96 12.28
C GLN C 67 -7.02 28.80 11.17
N TYR C 68 -8.10 29.56 11.30
CA TYR C 68 -9.29 29.38 10.47
C TYR C 68 -9.05 29.47 8.98
N TYR C 69 -8.20 30.41 8.56
CA TYR C 69 -7.96 30.62 7.14
C TYR C 69 -7.11 29.51 6.54
N ASP C 70 -6.33 28.84 7.37
CA ASP C 70 -5.57 27.69 6.94
C ASP C 70 -6.50 26.48 6.80
N LEU C 71 -7.56 26.46 7.61
CA LEU C 71 -8.57 25.41 7.50
C LEU C 71 -9.31 25.54 6.19
N LEU C 72 -9.56 26.78 5.78
CA LEU C 72 -10.23 27.04 4.51
C LEU C 72 -9.37 26.58 3.35
N ARG C 73 -8.05 26.69 3.50
CA ARG C 73 -7.12 26.22 2.49
C ARG C 73 -7.16 24.70 2.36
N LEU C 74 -7.32 24.01 3.49
CA LEU C 74 -7.46 22.56 3.51
C LEU C 74 -8.67 22.12 2.68
N PHE C 75 -9.78 22.82 2.86
CA PHE C 75 -11.00 22.48 2.15
C PHE C 75 -10.94 22.85 0.68
N GLU C 76 -10.10 23.82 0.34
CA GLU C 76 -9.91 24.21 -1.05
C GLU C 76 -9.13 23.16 -1.81
N TYR C 77 -8.01 22.74 -1.22
CA TYR C 77 -7.14 21.75 -1.86
CA TYR C 77 -7.13 21.74 -1.82
C TYR C 77 -7.79 20.36 -1.84
N GLY C 78 -8.44 20.01 -0.74
CA GLY C 78 -9.04 18.70 -0.58
C GLY C 78 -10.47 18.59 -1.08
N GLY C 79 -11.16 19.72 -1.19
CA GLY C 79 -12.53 19.72 -1.63
C GLY C 79 -13.51 19.92 -0.49
N PHE C 80 -14.26 21.01 -0.53
CA PHE C 80 -15.29 21.29 0.47
C PHE C 80 -16.33 20.17 0.51
N PRO C 81 -16.81 19.83 1.71
CA PRO C 81 -17.88 18.84 1.90
C PRO C 81 -19.10 19.15 1.03
N PRO C 82 -19.79 18.11 0.53
CA PRO C 82 -19.46 16.70 0.76
C PRO C 82 -18.64 16.08 -0.37
N GLU C 83 -17.91 16.90 -1.12
CA GLU C 83 -17.09 16.41 -2.22
C GLU C 83 -16.04 15.41 -1.73
N SER C 84 -15.61 15.59 -0.49
CA SER C 84 -14.67 14.67 0.13
C SER C 84 -15.12 14.33 1.55
N ASN C 85 -14.82 13.11 1.98
CA ASN C 85 -15.07 12.71 3.36
C ASN C 85 -13.91 13.14 4.25
N TYR C 86 -14.21 13.48 5.50
CA TYR C 86 -13.18 14.04 6.37
C TYR C 86 -13.15 13.43 7.77
N LEU C 87 -11.94 13.24 8.28
CA LEU C 87 -11.72 12.88 9.67
C LEU C 87 -10.67 13.80 10.26
N PHE C 88 -11.04 14.54 11.30
CA PHE C 88 -10.10 15.43 11.97
C PHE C 88 -9.65 14.81 13.28
N LEU C 89 -8.37 14.95 13.60
CA LEU C 89 -7.78 14.22 14.72
C LEU C 89 -7.70 15.04 16.01
N GLY C 90 -8.33 16.22 16.02
CA GLY C 90 -8.41 17.01 17.24
C GLY C 90 -7.62 18.30 17.24
N ASP C 91 -7.57 18.94 18.41
CA ASP C 91 -6.93 20.25 18.59
C ASP C 91 -7.43 21.25 17.56
N TYR C 92 -8.66 21.70 17.73
CA TYR C 92 -9.28 22.65 16.81
C TYR C 92 -9.16 24.07 17.33
N VAL C 93 -9.05 24.20 18.65
CA VAL C 93 -9.00 25.51 19.29
C VAL C 93 -7.63 25.81 19.89
N ASP C 94 -7.54 26.93 20.61
CA ASP C 94 -6.31 27.39 21.29
C ASP C 94 -5.21 27.81 20.32
N ARG C 95 -4.26 28.58 20.87
CA ARG C 95 -3.06 29.05 20.14
C ARG C 95 -3.38 30.04 19.02
N GLY C 96 -4.31 29.68 18.14
CA GLY C 96 -4.68 30.53 17.03
C GLY C 96 -5.52 31.73 17.47
N LYS C 97 -5.87 32.58 16.51
CA LYS C 97 -6.61 33.80 16.80
C LYS C 97 -8.10 33.64 16.51
N GLN C 98 -8.46 32.60 15.77
CA GLN C 98 -9.85 32.37 15.38
C GLN C 98 -10.31 30.94 15.68
N SER C 99 -10.29 30.57 16.95
CA SER C 99 -10.76 29.26 17.36
C SER C 99 -12.26 29.12 17.16
N LEU C 100 -12.98 30.21 17.39
CA LEU C 100 -14.43 30.20 17.29
C LEU C 100 -14.92 29.91 15.88
N GLU C 101 -14.38 30.64 14.90
CA GLU C 101 -14.73 30.40 13.51
C GLU C 101 -14.39 28.98 13.10
N THR C 102 -13.25 28.50 13.59
CA THR C 102 -12.76 27.17 13.25
C THR C 102 -13.67 26.06 13.75
N ILE C 103 -13.99 26.08 15.04
CA ILE C 103 -14.81 25.02 15.63
C ILE C 103 -16.25 25.09 15.12
N CYS C 104 -16.73 26.30 14.82
CA CYS C 104 -18.11 26.47 14.38
C CYS C 104 -18.33 25.91 12.98
N LEU C 105 -17.36 26.14 12.09
CA LEU C 105 -17.46 25.61 10.74
C LEU C 105 -17.38 24.09 10.74
N LEU C 106 -16.49 23.55 11.58
CA LEU C 106 -16.33 22.11 11.72
C LEU C 106 -17.58 21.46 12.31
N LEU C 107 -18.14 22.07 13.34
CA LEU C 107 -19.36 21.56 13.96
C LEU C 107 -20.54 21.65 12.99
N ALA C 108 -20.56 22.70 12.18
CA ALA C 108 -21.62 22.90 11.20
C ALA C 108 -21.63 21.76 10.18
N TYR C 109 -20.45 21.42 9.67
CA TYR C 109 -20.30 20.34 8.71
C TYR C 109 -20.64 18.99 9.34
N LYS C 110 -20.33 18.86 10.63
CA LYS C 110 -20.63 17.64 11.36
C LYS C 110 -22.14 17.42 11.46
N ILE C 111 -22.89 18.51 11.54
CA ILE C 111 -24.34 18.43 11.65
C ILE C 111 -24.99 18.22 10.29
N LYS C 112 -24.44 18.86 9.25
CA LYS C 112 -25.02 18.76 7.92
C LYS C 112 -24.69 17.43 7.26
N TYR C 113 -23.47 16.94 7.45
CA TYR C 113 -23.07 15.65 6.90
C TYR C 113 -22.53 14.72 7.99
N PRO C 114 -23.42 14.23 8.87
CA PRO C 114 -23.01 13.46 10.06
C PRO C 114 -22.52 12.05 9.75
N GLU C 115 -22.58 11.64 8.50
CA GLU C 115 -22.13 10.30 8.10
C GLU C 115 -20.90 10.36 7.22
N ASN C 116 -20.51 11.57 6.82
CA ASN C 116 -19.37 11.76 5.92
C ASN C 116 -18.37 12.76 6.47
N PHE C 117 -18.61 13.20 7.70
CA PHE C 117 -17.74 14.18 8.35
C PHE C 117 -17.58 13.81 9.82
N PHE C 118 -16.35 13.68 10.28
CA PHE C 118 -16.10 13.19 11.64
C PHE C 118 -14.98 13.96 12.33
N LEU C 119 -15.17 14.17 13.64
CA LEU C 119 -14.21 14.92 14.44
C LEU C 119 -13.75 14.10 15.65
N LEU C 120 -12.44 13.99 15.84
CA LEU C 120 -11.92 13.31 17.02
C LEU C 120 -11.58 14.33 18.10
N ARG C 121 -11.34 13.82 19.31
CA ARG C 121 -11.04 14.68 20.45
C ARG C 121 -9.54 14.77 20.71
N GLY C 122 -9.00 15.98 20.66
CA GLY C 122 -7.62 16.23 21.00
C GLY C 122 -7.50 16.64 22.45
N ASN C 123 -6.28 16.81 22.93
CA ASN C 123 -6.06 17.16 24.33
C ASN C 123 -6.43 18.61 24.63
N HIS C 124 -6.55 19.43 23.59
CA HIS C 124 -6.96 20.82 23.76
C HIS C 124 -8.48 20.95 23.78
N GLU C 125 -9.17 19.88 23.43
CA GLU C 125 -10.63 19.84 23.56
C GLU C 125 -10.99 19.42 24.98
N CYS C 126 -10.33 20.04 25.94
CA CYS C 126 -10.56 19.79 27.35
C CYS C 126 -10.57 21.12 28.10
N ALA C 127 -11.49 21.26 29.05
CA ALA C 127 -11.65 22.51 29.79
C ALA C 127 -10.39 22.88 30.57
N SER C 128 -9.68 21.86 31.05
CA SER C 128 -8.48 22.07 31.85
C SER C 128 -7.38 22.74 31.05
N ILE C 129 -7.41 22.57 29.74
CA ILE C 129 -6.34 23.08 28.86
C ILE C 129 -6.75 24.33 28.10
N ASN C 130 -7.89 24.29 27.42
CA ASN C 130 -8.28 25.41 26.55
C ASN C 130 -8.72 26.65 27.33
N ARG C 131 -8.85 26.51 28.65
CA ARG C 131 -9.13 27.65 29.50
C ARG C 131 -7.92 28.58 29.54
N ILE C 132 -6.74 27.97 29.43
CA ILE C 132 -5.49 28.69 29.60
C ILE C 132 -4.87 29.12 28.27
N TYR C 133 -5.02 28.28 27.25
CA TYR C 133 -4.30 28.48 26.00
C TYR C 133 -5.07 29.22 24.92
N GLY C 134 -6.05 30.04 25.31
CA GLY C 134 -6.64 30.99 24.39
C GLY C 134 -8.13 30.89 24.09
N PHE C 135 -8.68 29.68 24.07
CA PHE C 135 -10.07 29.50 23.66
C PHE C 135 -11.06 30.19 24.59
N TYR C 136 -10.91 29.96 25.89
CA TYR C 136 -11.78 30.58 26.88
C TYR C 136 -11.68 32.11 26.83
N ASP C 137 -10.47 32.61 26.59
CA ASP C 137 -10.24 34.04 26.45
C ASP C 137 -11.00 34.57 25.25
N GLU C 138 -10.98 33.82 24.15
CA GLU C 138 -11.64 34.21 22.93
C GLU C 138 -13.17 34.20 23.11
N CYS C 139 -13.65 33.21 23.85
CA CYS C 139 -15.07 33.13 24.19
C CYS C 139 -15.48 34.29 25.09
N LYS C 140 -14.63 34.60 26.06
CA LYS C 140 -14.93 35.66 27.01
C LYS C 140 -14.90 37.03 26.35
N ARG C 141 -14.02 37.18 25.36
CA ARG C 141 -13.86 38.45 24.67
C ARG C 141 -15.00 38.71 23.68
N ARG C 142 -15.36 37.69 22.92
CA ARG C 142 -16.32 37.85 21.83
C ARG C 142 -17.73 37.44 22.24
N TYR C 143 -17.86 36.74 23.36
CA TYR C 143 -19.17 36.28 23.82
C TYR C 143 -19.25 36.30 25.35
N ASN C 144 -19.31 35.13 25.98
CA ASN C 144 -19.38 35.08 27.43
C ASN C 144 -18.93 33.74 28.02
N ILE C 145 -18.74 33.73 29.34
CA ILE C 145 -18.27 32.55 30.06
C ILE C 145 -19.20 31.38 29.86
N LYS C 146 -20.50 31.66 29.82
CA LYS C 146 -21.52 30.62 29.70
C LYS C 146 -21.40 29.87 28.38
N LEU C 147 -21.07 30.59 27.31
CA LEU C 147 -20.92 29.95 26.00
C LEU C 147 -19.72 29.00 25.97
N TRP C 148 -18.68 29.38 26.70
CA TRP C 148 -17.49 28.53 26.80
C TRP C 148 -17.81 27.23 27.51
N LYS C 149 -18.59 27.31 28.58
CA LYS C 149 -18.99 26.12 29.33
C LYS C 149 -19.88 25.23 28.48
N THR C 150 -20.56 25.82 27.50
CA THR C 150 -21.39 25.07 26.57
C THR C 150 -20.51 24.27 25.62
N PHE C 151 -19.43 24.88 25.16
CA PHE C 151 -18.44 24.19 24.35
C PHE C 151 -17.84 23.00 25.09
N THR C 152 -17.62 23.19 26.39
CA THR C 152 -17.07 22.13 27.23
C THR C 152 -17.99 20.91 27.25
N ASP C 153 -19.28 21.16 27.46
CA ASP C 153 -20.27 20.10 27.51
C ASP C 153 -20.37 19.39 26.15
N CYS C 154 -20.03 20.11 25.09
CA CYS C 154 -20.02 19.54 23.76
C CYS C 154 -18.75 18.73 23.52
N PHE C 155 -17.60 19.31 23.85
CA PHE C 155 -16.30 18.66 23.69
C PHE C 155 -16.22 17.33 24.42
N ASN C 156 -16.88 17.26 25.59
CA ASN C 156 -16.85 16.07 26.42
C ASN C 156 -17.55 14.87 25.80
N CYS C 157 -18.27 15.10 24.71
CA CYS C 157 -19.01 14.02 24.04
C CYS C 157 -18.34 13.63 22.72
N LEU C 158 -17.19 14.22 22.43
CA LEU C 158 -16.45 13.89 21.23
C LEU C 158 -15.88 12.49 21.27
N PRO C 159 -15.94 11.77 20.13
CA PRO C 159 -15.30 10.46 20.03
C PRO C 159 -13.78 10.59 20.11
N ILE C 160 -13.11 9.59 20.67
CA ILE C 160 -11.69 9.72 20.99
C ILE C 160 -10.77 8.98 20.03
N ALA C 161 -11.32 8.08 19.23
CA ALA C 161 -10.52 7.30 18.30
C ALA C 161 -11.35 6.77 17.13
N ALA C 162 -10.66 6.33 16.08
CA ALA C 162 -11.33 5.82 14.89
C ALA C 162 -10.49 4.73 14.21
N ILE C 163 -11.18 3.80 13.55
CA ILE C 163 -10.50 2.75 12.80
C ILE C 163 -11.03 2.71 11.36
N VAL C 164 -10.15 2.95 10.41
CA VAL C 164 -10.54 3.01 8.99
C VAL C 164 -10.31 1.69 8.28
N ASP C 165 -11.40 1.02 7.93
CA ASP C 165 -11.37 -0.27 7.25
C ASP C 165 -10.55 -1.32 7.99
N GLU C 166 -10.60 -1.28 9.31
CA GLU C 166 -9.97 -2.28 10.17
C GLU C 166 -8.46 -2.39 9.94
N LYS C 167 -7.84 -1.33 9.43
CA LYS C 167 -6.42 -1.37 9.10
C LYS C 167 -5.68 -0.11 9.55
N ILE C 168 -6.40 0.99 9.70
CA ILE C 168 -5.78 2.23 10.15
C ILE C 168 -6.38 2.69 11.47
N PHE C 169 -5.56 2.74 12.51
CA PHE C 169 -6.01 3.21 13.82
C PHE C 169 -5.72 4.70 13.97
N CYS C 170 -6.75 5.47 14.29
CA CYS C 170 -6.62 6.92 14.37
C CYS C 170 -6.97 7.49 15.74
N CYS C 171 -6.09 8.34 16.25
CA CYS C 171 -6.34 9.06 17.50
C CYS C 171 -5.41 10.27 17.55
N HIS C 172 -5.61 11.17 18.50
CA HIS C 172 -4.84 12.41 18.54
C HIS C 172 -3.41 12.19 19.01
N GLY C 173 -3.25 11.70 20.24
CA GLY C 173 -1.95 11.50 20.82
C GLY C 173 -1.25 10.25 20.30
N GLY C 174 -1.55 9.11 20.91
CA GLY C 174 -0.94 7.86 20.51
C GLY C 174 -1.46 6.68 21.30
N LEU C 175 -0.57 5.75 21.63
CA LEU C 175 -0.96 4.51 22.27
C LEU C 175 -0.93 4.60 23.80
N SER C 176 -1.46 3.55 24.44
CA SER C 176 -1.50 3.48 25.89
C SER C 176 -1.05 2.11 26.38
N PRO C 177 -0.28 2.09 27.48
CA PRO C 177 0.12 0.82 28.11
C PRO C 177 -1.08 0.06 28.68
N ASP C 178 -2.19 0.78 28.87
CA ASP C 178 -3.40 0.19 29.42
C ASP C 178 -4.38 -0.21 28.31
N LEU C 179 -3.90 -0.21 27.07
CA LEU C 179 -4.75 -0.57 25.94
C LEU C 179 -4.47 -1.99 25.47
N GLN C 180 -5.26 -2.93 25.97
CA GLN C 180 -5.11 -4.33 25.59
C GLN C 180 -6.17 -4.71 24.56
N SER C 181 -7.41 -4.34 24.84
CA SER C 181 -8.52 -4.61 23.92
C SER C 181 -9.14 -3.31 23.43
N MET C 182 -9.76 -3.37 22.26
CA MET C 182 -10.40 -2.19 21.68
C MET C 182 -11.67 -1.82 22.45
N GLU C 183 -12.24 -2.79 23.17
CA GLU C 183 -13.48 -2.55 23.91
C GLU C 183 -13.20 -1.77 25.19
N GLN C 184 -11.93 -1.63 25.55
CA GLN C 184 -11.54 -0.76 26.66
C GLN C 184 -11.91 0.68 26.31
N ILE C 185 -11.85 0.98 25.02
CA ILE C 185 -12.25 2.29 24.51
C ILE C 185 -13.77 2.39 24.40
N ARG C 186 -14.39 1.34 23.87
CA ARG C 186 -15.84 1.30 23.73
C ARG C 186 -16.56 1.39 25.09
N ARG C 187 -15.92 0.88 26.13
CA ARG C 187 -16.51 0.85 27.46
C ARG C 187 -16.62 2.24 28.08
N ILE C 188 -15.89 3.21 27.52
CA ILE C 188 -15.89 4.57 28.04
C ILE C 188 -17.21 5.27 27.78
N MET C 189 -17.81 5.81 28.84
CA MET C 189 -19.09 6.51 28.72
C MET C 189 -18.90 8.02 28.64
N ARG C 190 -19.70 8.65 27.77
CA ARG C 190 -19.66 10.10 27.60
C ARG C 190 -20.91 10.74 28.20
N PRO C 191 -20.82 12.02 28.61
CA PRO C 191 -19.69 12.94 28.55
C PRO C 191 -18.61 12.65 29.57
N THR C 192 -17.38 13.08 29.29
CA THR C 192 -16.24 12.78 30.15
C THR C 192 -15.16 13.85 30.06
N ASP C 193 -14.57 14.18 31.21
CA ASP C 193 -13.41 15.05 31.25
CA ASP C 193 -13.41 15.05 31.26
C ASP C 193 -12.15 14.21 31.08
N VAL C 194 -11.08 14.81 30.56
CA VAL C 194 -9.84 14.09 30.36
C VAL C 194 -9.06 14.01 31.68
N PRO C 195 -8.83 12.78 32.16
CA PRO C 195 -8.16 12.50 33.45
C PRO C 195 -6.67 12.85 33.42
N ASP C 196 -6.06 12.86 34.60
CA ASP C 196 -4.63 13.14 34.73
C ASP C 196 -3.81 12.01 34.11
N GLN C 197 -4.32 10.78 34.26
CA GLN C 197 -3.64 9.59 33.77
C GLN C 197 -4.65 8.52 33.37
N GLY C 198 -4.18 7.50 32.66
CA GLY C 198 -5.04 6.40 32.26
C GLY C 198 -5.17 6.28 30.76
N LEU C 199 -6.04 5.37 30.32
CA LEU C 199 -6.23 5.08 28.90
C LEU C 199 -6.63 6.30 28.09
N LEU C 200 -7.68 6.99 28.54
CA LEU C 200 -8.19 8.16 27.84
C LEU C 200 -7.14 9.26 27.73
N CYS C 201 -6.36 9.42 28.80
CA CYS C 201 -5.32 10.43 28.83
C CYS C 201 -4.23 10.14 27.81
N ASP C 202 -3.75 8.90 27.78
CA ASP C 202 -2.66 8.51 26.90
C ASP C 202 -3.04 8.61 25.43
N LEU C 203 -4.30 8.30 25.12
CA LEU C 203 -4.77 8.35 23.75
C LEU C 203 -4.78 9.77 23.19
N LEU C 204 -4.73 10.76 24.09
CA LEU C 204 -4.80 12.15 23.69
C LEU C 204 -3.51 12.91 23.97
N TRP C 205 -2.53 12.25 24.58
CA TRP C 205 -1.33 12.95 25.04
C TRP C 205 0.01 12.32 24.63
N SER C 206 0.05 11.00 24.52
CA SER C 206 1.31 10.27 24.31
C SER C 206 1.99 10.61 22.98
N ASP C 207 3.31 10.44 22.95
CA ASP C 207 4.11 10.73 21.76
C ASP C 207 5.03 9.57 21.41
N PRO C 208 5.36 9.43 20.10
CA PRO C 208 6.37 8.45 19.70
C PRO C 208 7.78 8.98 19.89
N ASP C 209 8.71 8.12 20.31
CA ASP C 209 10.08 8.54 20.54
C ASP C 209 11.06 7.46 20.08
N LYS C 210 11.98 7.84 19.20
CA LYS C 210 12.94 6.90 18.62
C LYS C 210 13.97 6.44 19.64
N ASP C 211 14.31 7.31 20.58
CA ASP C 211 15.34 7.01 21.57
C ASP C 211 14.78 6.28 22.79
N VAL C 212 13.70 5.54 22.58
CA VAL C 212 13.05 4.78 23.64
C VAL C 212 12.57 3.44 23.10
N GLN C 213 12.83 2.36 23.83
CA GLN C 213 12.44 1.02 23.39
C GLN C 213 10.99 0.71 23.78
N GLY C 214 10.68 0.85 25.06
CA GLY C 214 9.34 0.56 25.55
C GLY C 214 8.56 1.83 25.85
N TRP C 215 8.16 1.99 27.10
CA TRP C 215 7.46 3.19 27.54
C TRP C 215 8.38 4.08 28.37
N GLY C 216 8.46 5.35 27.98
CA GLY C 216 9.28 6.31 28.69
C GLY C 216 8.50 7.51 29.16
N GLU C 217 9.10 8.30 30.06
CA GLU C 217 8.47 9.51 30.57
C GLU C 217 8.37 10.57 29.49
N ASN C 218 7.23 11.25 29.44
CA ASN C 218 6.98 12.25 28.41
C ASN C 218 7.38 13.66 28.85
N ASP C 219 8.07 14.39 27.97
CA ASP C 219 8.55 15.74 28.27
C ASP C 219 7.44 16.70 28.68
N ARG C 220 6.24 16.48 28.14
CA ARG C 220 5.10 17.35 28.41
C ARG C 220 4.75 17.39 29.89
N GLY C 221 5.02 16.30 30.60
CA GLY C 221 4.66 16.19 32.00
C GLY C 221 3.43 15.34 32.16
N VAL C 222 2.87 14.92 31.02
CA VAL C 222 1.66 14.10 31.01
C VAL C 222 1.88 12.86 30.15
N SER C 223 1.34 11.72 30.60
CA SER C 223 1.38 10.46 29.85
C SER C 223 2.81 9.97 29.59
N PHE C 224 2.99 9.24 28.50
CA PHE C 224 4.25 8.59 28.21
C PHE C 224 4.73 8.81 26.77
N THR C 225 5.97 8.39 26.52
CA THR C 225 6.47 8.21 25.17
C THR C 225 6.53 6.71 24.89
N PHE C 226 6.37 6.32 23.64
CA PHE C 226 6.44 4.91 23.28
C PHE C 226 7.39 4.68 22.11
N GLY C 227 7.98 3.50 22.07
CA GLY C 227 8.98 3.17 21.07
C GLY C 227 8.44 2.43 19.86
N ALA C 228 9.31 2.20 18.89
CA ALA C 228 8.95 1.54 17.64
C ALA C 228 8.46 0.11 17.86
N GLU C 229 9.02 -0.56 18.87
CA GLU C 229 8.66 -1.94 19.16
C GLU C 229 7.23 -2.03 19.69
N VAL C 230 6.83 -1.02 20.45
CA VAL C 230 5.47 -0.98 20.98
C VAL C 230 4.46 -0.83 19.85
N VAL C 231 4.78 0.02 18.89
CA VAL C 231 3.95 0.23 17.71
C VAL C 231 3.81 -1.07 16.91
N ALA C 232 4.95 -1.71 16.64
CA ALA C 232 4.97 -2.95 15.85
C ALA C 232 4.15 -4.06 16.49
N LYS C 233 4.32 -4.25 17.80
CA LYS C 233 3.59 -5.29 18.51
C LYS C 233 2.10 -4.96 18.60
N PHE C 234 1.78 -3.68 18.68
CA PHE C 234 0.39 -3.24 18.75
C PHE C 234 -0.36 -3.52 17.44
N LEU C 235 0.29 -3.19 16.33
CA LEU C 235 -0.32 -3.39 15.01
C LEU C 235 -0.55 -4.88 14.73
N HIS C 236 0.44 -5.70 15.05
CA HIS C 236 0.37 -7.14 14.83
C HIS C 236 -0.75 -7.77 15.66
N LYS C 237 -0.85 -7.33 16.92
CA LYS C 237 -1.83 -7.89 17.84
C LYS C 237 -3.27 -7.62 17.40
N HIS C 238 -3.48 -6.52 16.67
CA HIS C 238 -4.82 -6.11 16.29
C HIS C 238 -5.05 -6.12 14.78
N ASP C 239 -4.15 -6.77 14.04
CA ASP C 239 -4.26 -6.89 12.58
C ASP C 239 -4.39 -5.53 11.89
N LEU C 240 -3.60 -4.56 12.35
CA LEU C 240 -3.63 -3.22 11.79
C LEU C 240 -2.37 -2.94 10.98
N ASP C 241 -2.50 -2.07 9.98
CA ASP C 241 -1.36 -1.73 9.11
C ASP C 241 -0.69 -0.43 9.52
N LEU C 242 -1.49 0.53 10.01
CA LEU C 242 -0.99 1.87 10.26
C LEU C 242 -1.62 2.53 11.48
N ILE C 243 -0.81 3.33 12.18
CA ILE C 243 -1.32 4.22 13.22
C ILE C 243 -1.24 5.65 12.74
N CYS C 244 -2.40 6.30 12.64
CA CYS C 244 -2.47 7.67 12.18
C CYS C 244 -2.79 8.63 13.31
N ARG C 245 -1.87 9.53 13.63
CA ARG C 245 -2.06 10.46 14.73
C ARG C 245 -1.56 11.86 14.41
N ALA C 246 -1.66 12.75 15.39
CA ALA C 246 -1.26 14.15 15.20
C ALA C 246 -0.43 14.64 16.37
N HIS C 247 -0.95 15.63 17.08
CA HIS C 247 -0.44 16.04 18.39
C HIS C 247 0.94 16.71 18.39
N GLN C 248 1.73 16.50 17.34
CA GLN C 248 3.08 17.06 17.29
C GLN C 248 3.38 17.79 15.98
N VAL C 249 3.92 19.00 16.09
CA VAL C 249 4.26 19.79 14.92
C VAL C 249 5.47 19.20 14.21
N VAL C 250 5.31 18.93 12.91
CA VAL C 250 6.38 18.36 12.12
C VAL C 250 6.70 19.23 10.92
N GLU C 251 7.97 19.20 10.49
CA GLU C 251 8.50 20.12 9.48
C GLU C 251 7.73 20.10 8.16
N ASP C 252 7.52 18.92 7.60
CA ASP C 252 6.90 18.81 6.29
C ASP C 252 5.41 18.53 6.34
N GLY C 253 4.80 18.74 7.50
CA GLY C 253 3.38 18.51 7.67
C GLY C 253 3.04 17.07 8.01
N TYR C 254 3.86 16.15 7.53
CA TYR C 254 3.73 14.74 7.89
C TYR C 254 5.10 14.13 8.13
N GLU C 255 5.16 13.15 9.03
CA GLU C 255 6.44 12.55 9.40
C GLU C 255 6.23 11.08 9.80
N PHE C 256 7.12 10.21 9.34
CA PHE C 256 6.98 8.79 9.62
C PHE C 256 7.74 8.37 10.87
N PHE C 257 7.33 7.23 11.43
CA PHE C 257 7.96 6.67 12.62
C PHE C 257 7.83 5.15 12.58
N ALA C 258 8.86 4.46 13.09
CA ALA C 258 8.92 3.00 13.05
C ALA C 258 8.72 2.50 11.62
N LYS C 259 9.75 2.71 10.79
CA LYS C 259 9.64 2.52 9.34
C LYS C 259 8.51 3.40 8.81
N ARG C 260 7.38 2.78 8.51
CA ARG C 260 6.19 3.52 8.08
C ARG C 260 4.94 2.93 8.71
N GLN C 261 5.06 2.55 9.98
CA GLN C 261 3.96 1.93 10.71
C GLN C 261 3.15 2.98 11.46
N LEU C 262 3.71 4.17 11.58
CA LEU C 262 3.03 5.29 12.23
C LEU C 262 3.31 6.58 11.46
N VAL C 263 2.29 7.40 11.28
CA VAL C 263 2.45 8.69 10.63
C VAL C 263 1.88 9.79 11.52
N THR C 264 2.59 10.91 11.60
CA THR C 264 2.12 12.07 12.35
C THR C 264 1.65 13.15 11.39
N LEU C 265 0.38 13.55 11.53
CA LEU C 265 -0.17 14.59 10.67
C LEU C 265 -0.32 15.92 11.42
N PHE C 266 0.14 17.00 10.79
CA PHE C 266 -0.05 18.33 11.34
C PHE C 266 -0.53 19.25 10.22
N SER C 267 -1.67 19.89 10.43
CA SER C 267 -2.35 20.59 9.34
C SER C 267 -2.35 22.11 9.49
N ALA C 268 -1.60 22.62 10.46
CA ALA C 268 -1.53 24.07 10.66
C ALA C 268 -0.14 24.62 10.34
N PRO C 269 0.02 25.17 9.13
CA PRO C 269 1.29 25.75 8.69
C PRO C 269 1.63 27.03 9.45
N ASN C 270 2.92 27.32 9.59
CA ASN C 270 3.40 28.45 10.38
C ASN C 270 2.79 28.47 11.77
N TYR C 271 2.96 27.35 12.48
CA TYR C 271 2.37 27.14 13.79
C TYR C 271 2.79 28.22 14.79
N CYS C 272 1.79 28.94 15.31
CA CYS C 272 1.99 30.03 16.27
C CYS C 272 2.79 31.20 15.71
N GLY C 273 3.11 31.14 14.41
CA GLY C 273 3.90 32.17 13.77
C GLY C 273 5.37 32.11 14.14
N GLU C 274 5.73 31.08 14.91
CA GLU C 274 7.11 30.89 15.35
C GLU C 274 7.83 29.88 14.45
N PHE C 275 7.11 28.84 14.05
CA PHE C 275 7.67 27.80 13.19
C PHE C 275 7.47 28.17 11.72
N ASP C 276 8.33 27.61 10.86
CA ASP C 276 8.21 27.81 9.42
C ASP C 276 7.75 26.51 8.77
N ASN C 277 7.00 25.71 9.53
CA ASN C 277 6.57 24.39 9.09
C ASN C 277 5.41 24.45 8.10
N ALA C 278 5.18 23.33 7.43
CA ALA C 278 4.06 23.21 6.50
C ALA C 278 2.95 22.37 7.12
N GLY C 279 1.79 22.38 6.49
CA GLY C 279 0.67 21.56 6.93
C GLY C 279 0.35 20.51 5.90
N ALA C 280 0.06 19.29 6.34
CA ALA C 280 -0.24 18.21 5.41
C ALA C 280 -1.59 17.57 5.68
N MET C 281 -2.05 16.80 4.69
CA MET C 281 -3.34 16.14 4.75
C MET C 281 -3.25 14.80 4.02
N MET C 282 -3.58 13.71 4.71
CA MET C 282 -3.44 12.38 4.13
C MET C 282 -4.72 11.92 3.45
N SER C 283 -4.65 11.69 2.14
CA SER C 283 -5.79 11.18 1.38
C SER C 283 -5.71 9.65 1.28
N VAL C 284 -6.79 8.99 1.67
CA VAL C 284 -6.84 7.53 1.66
C VAL C 284 -7.92 7.04 0.68
N ASP C 285 -7.50 6.49 -0.45
CA ASP C 285 -8.46 6.04 -1.46
C ASP C 285 -9.08 4.70 -1.10
N GLU C 286 -9.93 4.19 -1.99
CA GLU C 286 -10.70 2.98 -1.73
C GLU C 286 -9.82 1.72 -1.72
N THR C 287 -8.59 1.85 -2.21
CA THR C 287 -7.65 0.74 -2.19
C THR C 287 -6.72 0.85 -0.98
N LEU C 288 -7.07 1.77 -0.08
CA LEU C 288 -6.28 2.07 1.11
C LEU C 288 -4.86 2.55 0.76
N MET C 289 -4.72 3.20 -0.38
CA MET C 289 -3.46 3.83 -0.75
C MET C 289 -3.40 5.24 -0.18
N CYS C 290 -2.39 5.50 0.64
CA CYS C 290 -2.27 6.78 1.32
C CYS C 290 -1.33 7.74 0.61
N SER C 291 -1.85 8.92 0.27
CA SER C 291 -1.04 9.98 -0.34
C SER C 291 -1.13 11.24 0.51
N PHE C 292 -0.18 12.15 0.32
CA PHE C 292 -0.13 13.36 1.13
C PHE C 292 -0.18 14.64 0.31
N GLN C 293 -1.09 15.53 0.69
CA GLN C 293 -1.20 16.86 0.10
C GLN C 293 -0.64 17.89 1.07
N ILE C 294 0.22 18.78 0.58
CA ILE C 294 0.94 19.71 1.44
C ILE C 294 0.47 21.15 1.27
N LEU C 295 0.26 21.85 2.39
CA LEU C 295 -0.06 23.26 2.36
C LEU C 295 1.20 24.08 2.67
N LYS C 296 1.71 24.78 1.67
CA LYS C 296 2.89 25.61 1.85
C LYS C 296 2.59 26.80 2.75
N PRO C 297 3.54 27.16 3.64
CA PRO C 297 3.36 28.28 4.56
C PRO C 297 3.34 29.63 3.86
N HIS D 5 -22.82 11.86 -2.30
CA HIS D 5 -21.93 10.92 -1.62
C HIS D 5 -22.71 9.80 -0.95
N SER D 6 -22.03 9.05 -0.08
CA SER D 6 -22.65 7.95 0.64
C SER D 6 -21.98 7.74 1.99
N SER D 7 -22.73 7.21 2.96
CA SER D 7 -22.25 7.03 4.32
C SER D 7 -21.02 6.13 4.40
N ILE D 8 -20.07 6.51 5.25
CA ILE D 8 -18.88 5.71 5.47
C ILE D 8 -18.77 5.25 6.92
N LEU D 9 -19.87 5.37 7.66
CA LEU D 9 -19.91 4.96 9.06
C LEU D 9 -20.52 3.56 9.19
N LYS D 10 -19.67 2.58 9.50
CA LYS D 10 -20.12 1.20 9.71
C LYS D 10 -21.06 1.12 10.91
N PRO D 11 -22.02 0.19 10.87
CA PRO D 11 -22.94 0.01 11.99
C PRO D 11 -22.39 -0.95 13.06
N PRO D 12 -22.71 -0.68 14.33
CA PRO D 12 -22.22 -1.49 15.45
C PRO D 12 -22.91 -2.84 15.56
N SER D 38 -8.96 -8.00 3.49
CA SER D 38 -8.67 -8.26 2.10
C SER D 38 -7.87 -7.12 1.48
N ARG D 39 -8.20 -5.89 1.87
CA ARG D 39 -7.46 -4.71 1.41
C ARG D 39 -6.26 -4.45 2.32
N ARG D 40 -5.28 -3.72 1.81
CA ARG D 40 -4.06 -3.46 2.54
C ARG D 40 -3.57 -2.03 2.34
N VAL D 41 -2.86 -1.51 3.34
CA VAL D 41 -2.38 -0.13 3.31
C VAL D 41 -1.11 0.02 2.48
N SER D 42 -1.15 0.95 1.53
CA SER D 42 0.03 1.28 0.74
C SER D 42 0.23 2.80 0.72
N PHE D 43 1.42 3.24 0.35
CA PHE D 43 1.70 4.66 0.25
C PHE D 43 2.10 5.04 -1.18
N ALA D 44 1.45 6.07 -1.71
CA ALA D 44 1.70 6.51 -3.08
C ALA D 44 3.12 7.06 -3.23
N ASP D 45 3.67 6.93 -4.43
CA ASP D 45 5.00 7.44 -4.71
C ASP D 45 5.14 7.72 -6.21
N THR D 46 6.18 8.48 -6.56
CA THR D 46 6.40 8.85 -7.95
C THR D 46 7.28 7.81 -8.66
N ILE D 47 6.98 7.57 -9.93
CA ILE D 47 7.77 6.67 -10.76
C ILE D 47 9.20 7.22 -10.90
N LYS D 48 10.13 6.38 -11.37
CA LYS D 48 11.53 6.78 -11.47
C LYS D 48 11.81 7.79 -12.59
N VAL D 49 13.01 7.71 -13.16
CA VAL D 49 13.50 8.68 -14.14
C VAL D 49 13.48 10.10 -13.57
#